data_4IQT
#
_entry.id   4IQT
#
_cell.length_a   46.970
_cell.length_b   84.860
_cell.length_c   114.430
_cell.angle_alpha   90.00
_cell.angle_beta   90.00
_cell.angle_gamma   90.00
#
_symmetry.space_group_name_H-M   'P 21 21 21'
#
loop_
_entity.id
_entity.type
_entity.pdbx_description
1 polymer 'DNA nucleotidylexotransferase'
2 non-polymer '6-[4-(3-fluorobenzoyl)-1H-pyrrol-2-yl]-2-hydroxy-4-oxohexa-2,5-dienoic acid'
3 water water
#
_entity_poly.entity_id   1
_entity_poly.type   'polypeptide(L)'
_entity_poly.pdbx_seq_one_letter_code
;HMSPSPVPGSQNVPAPAVKKISQYACQRRTTLNNYNQLFTDALDILAENDELRENEGSCLAFMRASSVLKSLPFPITSMK
DTEGIPCLGDKVKSIIEGIIEDGESSEAKAVLNDERYKSFKLFTSVFGVGLKTAEKWFRMGFRTLSKIQSDKSLRFTQMQ
KAGFLYYEDLVSCVNRPEAEAVSMLVKEAVVTFLPDALVTMTGGFRRGKMTGHDVDFLITSPEATEDEEQQLLHKVTDFW
KQQGLLLYCDILESTFEKFKQPSRKVDALDHFQKCFLILKLDHGRVHSEKSGQQEGKGWKAIRVDLVMCPYDRRAFALLG
WTGSRQFERDLRRYATHERKMMLDNHALYDRTKRVFLEAESEEEIFAHLGLDYIEPWERNAMGSSHHHHHHSSGLVPRGS
;
_entity_poly.pdbx_strand_id   A
#
# COMPACT_ATOMS: atom_id res chain seq x y z
N LYS A 20 28.30 -6.62 -1.17
CA LYS A 20 27.39 -7.72 -0.79
C LYS A 20 25.95 -7.24 -0.67
N ILE A 21 25.01 -7.80 -1.48
CA ILE A 21 23.57 -7.44 -1.42
C ILE A 21 23.00 -7.81 -0.03
N SER A 22 22.44 -6.82 0.69
CA SER A 22 21.81 -7.05 1.97
C SER A 22 20.51 -7.86 1.86
N GLN A 23 20.19 -8.61 2.90
CA GLN A 23 18.92 -9.38 2.97
C GLN A 23 17.74 -8.44 3.29
N TYR A 24 18.05 -7.18 3.68
CA TYR A 24 17.05 -6.18 4.03
C TYR A 24 16.78 -5.22 2.89
N ALA A 25 15.49 -5.06 2.53
CA ALA A 25 15.07 -4.10 1.49
C ALA A 25 15.47 -2.66 1.85
N CYS A 26 15.50 -2.31 3.16
CA CYS A 26 15.87 -0.98 3.62
C CYS A 26 17.37 -0.70 3.43
N GLN A 27 18.18 -1.69 3.03
CA GLN A 27 19.61 -1.51 2.72
C GLN A 27 19.85 -1.77 1.20
N ARG A 28 18.77 -1.70 0.40
CA ARG A 28 18.82 -1.87 -1.05
C ARG A 28 18.11 -0.73 -1.71
N ARG A 29 18.55 -0.36 -2.92
CA ARG A 29 17.87 0.68 -3.71
C ARG A 29 17.05 -0.05 -4.77
N THR A 30 15.72 0.06 -4.70
CA THR A 30 14.81 -0.63 -5.61
C THR A 30 14.00 0.42 -6.39
N THR A 31 14.39 0.61 -7.64
CA THR A 31 13.79 1.59 -8.54
C THR A 31 12.79 0.86 -9.46
N LEU A 32 11.98 1.63 -10.20
CA LEU A 32 10.92 1.06 -11.03
C LEU A 32 11.44 0.38 -12.33
N ASN A 33 12.73 0.48 -12.61
CA ASN A 33 13.29 -0.23 -13.75
C ASN A 33 13.64 -1.65 -13.30
N ASN A 34 12.63 -2.52 -13.29
CA ASN A 34 12.74 -3.92 -12.93
C ASN A 34 13.17 -4.73 -14.14
N TYR A 35 14.39 -5.29 -14.08
CA TYR A 35 14.97 -6.08 -15.14
C TYR A 35 14.61 -7.56 -15.04
N ASN A 36 13.89 -7.95 -14.00
CA ASN A 36 13.55 -9.34 -13.70
C ASN A 36 12.06 -9.59 -13.54
N GLN A 37 11.21 -8.84 -14.30
CA GLN A 37 9.75 -8.96 -14.26
C GLN A 37 9.25 -10.37 -14.51
N LEU A 38 9.92 -11.12 -15.41
CA LEU A 38 9.58 -12.51 -15.75
C LEU A 38 9.60 -13.41 -14.48
N PHE A 39 10.62 -13.20 -13.61
CA PHE A 39 10.78 -13.92 -12.35
C PHE A 39 9.90 -13.37 -11.27
N THR A 40 9.85 -12.03 -11.12
CA THR A 40 9.10 -11.41 -10.02
C THR A 40 7.60 -11.47 -10.22
N ASP A 41 7.10 -11.40 -11.45
CA ASP A 41 5.64 -11.58 -11.67
C ASP A 41 5.18 -12.96 -11.20
N ALA A 42 5.96 -14.02 -11.55
CA ALA A 42 5.73 -15.41 -11.13
C ALA A 42 5.81 -15.55 -9.60
N LEU A 43 6.86 -14.97 -8.96
CA LEU A 43 7.04 -15.03 -7.49
C LEU A 43 5.94 -14.27 -6.75
N ASP A 44 5.46 -13.14 -7.30
CA ASP A 44 4.35 -12.36 -6.73
C ASP A 44 3.02 -13.17 -6.79
N ILE A 45 2.80 -13.96 -7.85
CA ILE A 45 1.62 -14.80 -8.02
C ILE A 45 1.66 -15.93 -6.99
N LEU A 46 2.82 -16.56 -6.85
CA LEU A 46 3.00 -17.67 -5.91
C LEU A 46 2.86 -17.17 -4.46
N ALA A 47 3.35 -15.98 -4.16
CA ALA A 47 3.21 -15.36 -2.83
C ALA A 47 1.73 -15.06 -2.51
N GLU A 48 0.98 -14.53 -3.51
CA GLU A 48 -0.42 -14.17 -3.39
C GLU A 48 -1.26 -15.44 -3.16
N ASN A 49 -0.93 -16.54 -3.85
CA ASN A 49 -1.60 -17.82 -3.66
C ASN A 49 -1.38 -18.35 -2.25
N ASP A 50 -0.15 -18.23 -1.72
CA ASP A 50 0.17 -18.68 -0.37
C ASP A 50 -0.55 -17.84 0.69
N GLU A 51 -0.85 -16.57 0.37
CA GLU A 51 -1.62 -15.68 1.24
C GLU A 51 -3.05 -16.18 1.29
N LEU A 52 -3.59 -16.52 0.11
CA LEU A 52 -4.95 -17.04 -0.07
C LEU A 52 -5.12 -18.41 0.59
N ARG A 53 -4.07 -19.25 0.59
CA ARG A 53 -4.07 -20.59 1.22
C ARG A 53 -3.67 -20.53 2.72
N GLU A 54 -3.54 -19.30 3.26
CA GLU A 54 -3.17 -19.00 4.65
C GLU A 54 -1.78 -19.59 5.04
N ASN A 55 -0.89 -19.76 4.05
CA ASN A 55 0.48 -20.26 4.25
C ASN A 55 1.42 -19.05 4.34
N GLU A 56 1.43 -18.39 5.51
CA GLU A 56 2.20 -17.18 5.82
C GLU A 56 3.72 -17.33 5.60
N GLY A 57 4.28 -18.49 5.96
CA GLY A 57 5.69 -18.78 5.85
C GLY A 57 6.18 -18.85 4.42
N SER A 58 5.47 -19.64 3.58
CA SER A 58 5.82 -19.78 2.16
C SER A 58 5.60 -18.44 1.44
N CYS A 59 4.54 -17.69 1.85
CA CYS A 59 4.21 -16.37 1.32
C CYS A 59 5.39 -15.42 1.54
N LEU A 60 5.92 -15.37 2.79
CA LEU A 60 7.06 -14.51 3.16
C LEU A 60 8.32 -14.86 2.34
N ALA A 61 8.62 -16.15 2.14
CA ALA A 61 9.79 -16.60 1.41
C ALA A 61 9.73 -16.14 -0.06
N PHE A 62 8.55 -16.24 -0.70
CA PHE A 62 8.39 -15.78 -2.07
C PHE A 62 8.45 -14.25 -2.15
N MET A 63 7.89 -13.52 -1.13
CA MET A 63 7.92 -12.05 -1.13
C MET A 63 9.33 -11.48 -1.03
N ARG A 64 10.18 -12.10 -0.20
CA ARG A 64 11.57 -11.68 0.02
C ARG A 64 12.41 -11.94 -1.22
N ALA A 65 12.18 -13.08 -1.91
CA ALA A 65 12.88 -13.47 -3.14
C ALA A 65 12.51 -12.51 -4.27
N SER A 66 11.20 -12.23 -4.42
CA SER A 66 10.72 -11.28 -5.42
C SER A 66 11.38 -9.90 -5.22
N SER A 67 11.37 -9.41 -3.95
CA SER A 67 11.92 -8.14 -3.52
C SER A 67 13.38 -8.00 -3.88
N VAL A 68 14.23 -9.00 -3.51
CA VAL A 68 15.66 -8.92 -3.80
C VAL A 68 15.92 -8.88 -5.34
N LEU A 69 15.15 -9.63 -6.15
CA LEU A 69 15.35 -9.62 -7.62
C LEU A 69 14.95 -8.29 -8.21
N LYS A 70 13.93 -7.62 -7.62
CA LYS A 70 13.47 -6.29 -8.05
C LYS A 70 14.61 -5.25 -7.92
N SER A 71 15.54 -5.46 -6.98
CA SER A 71 16.64 -4.54 -6.70
C SER A 71 17.82 -4.72 -7.66
N LEU A 72 17.92 -5.85 -8.37
CA LEU A 72 19.06 -6.10 -9.28
C LEU A 72 19.17 -5.10 -10.41
N PRO A 73 20.41 -4.66 -10.73
CA PRO A 73 20.60 -3.68 -11.81
C PRO A 73 20.74 -4.34 -13.20
N PHE A 74 20.57 -5.65 -13.28
CA PHE A 74 20.69 -6.44 -14.51
C PHE A 74 19.68 -7.62 -14.48
N PRO A 75 19.31 -8.20 -15.67
CA PRO A 75 18.40 -9.37 -15.66
C PRO A 75 19.12 -10.70 -15.42
N ILE A 76 18.51 -11.63 -14.66
CA ILE A 76 19.07 -12.98 -14.47
C ILE A 76 18.91 -13.72 -15.80
N THR A 77 20.01 -14.27 -16.36
CA THR A 77 19.90 -15.00 -17.65
C THR A 77 20.45 -16.43 -17.52
N SER A 78 21.06 -16.75 -16.35
CA SER A 78 21.59 -18.08 -16.03
C SER A 78 21.57 -18.27 -14.52
N MET A 79 21.64 -19.53 -14.05
CA MET A 79 21.66 -19.83 -12.63
C MET A 79 22.90 -19.25 -11.94
N LYS A 80 24.03 -19.14 -12.67
CA LYS A 80 25.29 -18.55 -12.18
C LYS A 80 25.07 -17.09 -11.71
N ASP A 81 24.17 -16.34 -12.38
CA ASP A 81 23.84 -14.97 -12.01
C ASP A 81 23.18 -14.87 -10.63
N THR A 82 22.65 -15.99 -10.07
CA THR A 82 21.99 -15.94 -8.74
C THR A 82 23.00 -16.10 -7.59
N GLU A 83 24.29 -16.41 -7.90
CA GLU A 83 25.34 -16.60 -6.89
C GLU A 83 25.52 -15.34 -6.03
N GLY A 84 25.50 -15.56 -4.72
CA GLY A 84 25.67 -14.49 -3.74
C GLY A 84 24.45 -13.65 -3.46
N ILE A 85 23.33 -13.94 -4.15
CA ILE A 85 22.09 -13.19 -3.91
C ILE A 85 21.37 -13.83 -2.70
N PRO A 86 21.08 -13.04 -1.63
CA PRO A 86 20.38 -13.63 -0.48
C PRO A 86 18.89 -13.83 -0.76
N CYS A 87 18.17 -14.52 0.15
CA CYS A 87 16.72 -14.76 0.09
C CYS A 87 16.30 -15.63 -1.09
N LEU A 88 17.21 -16.46 -1.61
CA LEU A 88 16.90 -17.37 -2.71
C LEU A 88 17.10 -18.82 -2.22
N GLY A 89 16.06 -19.37 -1.60
CA GLY A 89 16.08 -20.76 -1.14
C GLY A 89 15.96 -21.75 -2.29
N ASP A 90 15.99 -23.05 -1.96
CA ASP A 90 15.92 -24.12 -2.97
C ASP A 90 14.61 -24.08 -3.77
N LYS A 91 13.45 -23.85 -3.11
CA LYS A 91 12.15 -23.78 -3.77
C LYS A 91 12.15 -22.66 -4.80
N VAL A 92 12.64 -21.47 -4.39
CA VAL A 92 12.73 -20.28 -5.26
C VAL A 92 13.70 -20.54 -6.45
N LYS A 93 14.88 -21.15 -6.18
CA LYS A 93 15.84 -21.42 -7.25
C LYS A 93 15.29 -22.40 -8.29
N SER A 94 14.40 -23.36 -7.89
CA SER A 94 13.74 -24.29 -8.82
C SER A 94 12.79 -23.50 -9.73
N ILE A 95 12.09 -22.49 -9.19
CA ILE A 95 11.20 -21.64 -9.98
C ILE A 95 12.00 -20.79 -10.98
N ILE A 96 13.12 -20.18 -10.53
CA ILE A 96 13.97 -19.37 -11.40
C ILE A 96 14.52 -20.26 -12.55
N GLU A 97 15.00 -21.49 -12.21
CA GLU A 97 15.54 -22.45 -13.17
C GLU A 97 14.50 -22.79 -14.27
N GLY A 98 13.25 -22.98 -13.89
CA GLY A 98 12.15 -23.27 -14.80
C GLY A 98 11.84 -22.14 -15.77
N ILE A 99 11.95 -20.88 -15.30
CA ILE A 99 11.69 -19.69 -16.12
C ILE A 99 12.86 -19.51 -17.09
N ILE A 100 14.12 -19.74 -16.66
CA ILE A 100 15.30 -19.66 -17.53
C ILE A 100 15.17 -20.70 -18.65
N GLU A 101 14.65 -21.91 -18.33
CA GLU A 101 14.45 -23.02 -19.27
C GLU A 101 13.62 -22.66 -20.50
N ASP A 102 12.39 -22.12 -20.32
CA ASP A 102 11.51 -21.85 -21.47
C ASP A 102 10.74 -20.52 -21.40
N GLY A 103 11.21 -19.58 -20.56
CA GLY A 103 10.60 -18.27 -20.40
C GLY A 103 9.29 -18.21 -19.63
N GLU A 104 8.83 -19.35 -19.08
CA GLU A 104 7.58 -19.44 -18.34
C GLU A 104 7.75 -20.16 -17.03
N SER A 105 6.86 -19.85 -16.07
CA SER A 105 6.79 -20.58 -14.81
C SER A 105 5.58 -21.52 -14.86
N SER A 106 5.83 -22.84 -14.87
CA SER A 106 4.76 -23.84 -14.87
C SER A 106 3.96 -23.74 -13.55
N GLU A 107 4.65 -23.45 -12.45
CA GLU A 107 4.07 -23.27 -11.10
C GLU A 107 3.11 -22.06 -11.06
N ALA A 108 3.54 -20.90 -11.57
CA ALA A 108 2.70 -19.70 -11.57
C ALA A 108 1.53 -19.86 -12.58
N LYS A 109 1.75 -20.59 -13.69
CA LYS A 109 0.74 -20.87 -14.71
C LYS A 109 -0.37 -21.73 -14.13
N ALA A 110 0.00 -22.71 -13.28
CA ALA A 110 -0.98 -23.57 -12.62
C ALA A 110 -1.80 -22.76 -11.56
N VAL A 111 -1.20 -21.77 -10.91
CA VAL A 111 -1.92 -20.91 -9.94
C VAL A 111 -2.95 -20.06 -10.73
N LEU A 112 -2.52 -19.50 -11.87
CA LEU A 112 -3.37 -18.64 -12.70
C LEU A 112 -4.59 -19.35 -13.26
N ASN A 113 -4.51 -20.69 -13.39
CA ASN A 113 -5.57 -21.54 -13.90
C ASN A 113 -6.39 -22.20 -12.77
N ASP A 114 -5.94 -22.10 -11.51
CA ASP A 114 -6.62 -22.64 -10.32
C ASP A 114 -7.90 -21.87 -10.06
N GLU A 115 -9.01 -22.60 -9.87
CA GLU A 115 -10.36 -22.07 -9.66
C GLU A 115 -10.43 -21.22 -8.38
N ARG A 116 -9.83 -21.68 -7.27
CA ARG A 116 -9.84 -20.94 -6.00
C ARG A 116 -9.08 -19.63 -6.14
N TYR A 117 -7.89 -19.67 -6.76
CA TYR A 117 -7.07 -18.47 -6.94
C TYR A 117 -7.80 -17.45 -7.80
N LYS A 118 -8.38 -17.88 -8.94
CA LYS A 118 -9.12 -17.00 -9.86
C LYS A 118 -10.27 -16.29 -9.14
N SER A 119 -11.04 -17.04 -8.36
CA SER A 119 -12.19 -16.52 -7.61
C SER A 119 -11.75 -15.53 -6.56
N PHE A 120 -10.66 -15.82 -5.83
CA PHE A 120 -10.20 -14.94 -4.76
C PHE A 120 -9.68 -13.62 -5.33
N LYS A 121 -8.97 -13.67 -6.47
CA LYS A 121 -8.50 -12.43 -7.12
C LYS A 121 -9.69 -11.59 -7.59
N LEU A 122 -10.65 -12.22 -8.25
CA LEU A 122 -11.81 -11.56 -8.80
C LEU A 122 -12.71 -10.98 -7.71
N PHE A 123 -13.00 -11.74 -6.66
CA PHE A 123 -13.90 -11.28 -5.61
C PHE A 123 -13.27 -10.18 -4.77
N THR A 124 -12.01 -10.32 -4.37
CA THR A 124 -11.35 -9.28 -3.57
C THR A 124 -11.03 -8.01 -4.41
N SER A 125 -11.21 -8.04 -5.73
CA SER A 125 -11.00 -6.86 -6.58
C SER A 125 -12.13 -5.82 -6.32
N VAL A 126 -13.18 -6.24 -5.61
CA VAL A 126 -14.34 -5.42 -5.22
C VAL A 126 -13.97 -4.72 -3.90
N PHE A 127 -14.22 -3.42 -3.85
CA PHE A 127 -13.98 -2.63 -2.65
C PHE A 127 -14.98 -3.12 -1.58
N GLY A 128 -14.46 -3.54 -0.44
CA GLY A 128 -15.27 -4.05 0.66
C GLY A 128 -15.25 -5.55 0.81
N VAL A 129 -14.61 -6.25 -0.14
CA VAL A 129 -14.51 -7.71 -0.12
C VAL A 129 -13.10 -8.13 0.21
N GLY A 130 -12.98 -8.84 1.33
CA GLY A 130 -11.71 -9.39 1.79
C GLY A 130 -11.71 -10.90 1.71
N LEU A 131 -10.68 -11.51 2.28
CA LEU A 131 -10.47 -12.95 2.30
C LEU A 131 -11.68 -13.77 2.77
N LYS A 132 -12.30 -13.42 3.91
CA LYS A 132 -13.41 -14.18 4.48
C LYS A 132 -14.66 -14.19 3.60
N THR A 133 -15.05 -13.02 3.05
CA THR A 133 -16.23 -12.91 2.18
C THR A 133 -15.98 -13.63 0.85
N ALA A 134 -14.75 -13.50 0.29
CA ALA A 134 -14.38 -14.16 -0.95
C ALA A 134 -14.46 -15.69 -0.80
N GLU A 135 -14.01 -16.23 0.34
CA GLU A 135 -14.02 -17.66 0.67
C GLU A 135 -15.46 -18.14 0.85
N LYS A 136 -16.32 -17.33 1.50
CA LYS A 136 -17.74 -17.62 1.70
C LYS A 136 -18.47 -17.77 0.36
N TRP A 137 -18.24 -16.81 -0.56
CA TRP A 137 -18.88 -16.80 -1.88
C TRP A 137 -18.43 -17.98 -2.72
N PHE A 138 -17.12 -18.31 -2.66
CA PHE A 138 -16.54 -19.44 -3.38
C PHE A 138 -17.20 -20.76 -2.92
N ARG A 139 -17.34 -20.96 -1.59
CA ARG A 139 -17.94 -22.17 -1.00
C ARG A 139 -19.46 -22.22 -1.24
N MET A 140 -20.07 -21.10 -1.64
CA MET A 140 -21.48 -21.05 -2.02
C MET A 140 -21.64 -21.44 -3.49
N GLY A 141 -20.54 -21.52 -4.22
CA GLY A 141 -20.55 -21.91 -5.62
C GLY A 141 -20.51 -20.77 -6.61
N PHE A 142 -20.28 -19.52 -6.13
CA PHE A 142 -20.17 -18.35 -7.00
C PHE A 142 -18.81 -18.31 -7.69
N ARG A 143 -18.79 -17.89 -8.96
CA ARG A 143 -17.56 -17.81 -9.73
C ARG A 143 -17.41 -16.48 -10.49
N THR A 144 -18.52 -15.73 -10.65
CA THR A 144 -18.49 -14.45 -11.37
C THR A 144 -19.16 -13.34 -10.53
N LEU A 145 -18.78 -12.10 -10.81
CA LEU A 145 -19.32 -10.93 -10.11
C LEU A 145 -20.76 -10.68 -10.52
N SER A 146 -21.13 -10.99 -11.78
CA SER A 146 -22.49 -10.86 -12.28
C SER A 146 -23.47 -11.71 -11.47
N LYS A 147 -23.04 -12.96 -11.14
CA LYS A 147 -23.88 -13.89 -10.38
C LYS A 147 -23.98 -13.46 -8.92
N ILE A 148 -22.94 -12.85 -8.38
CA ILE A 148 -22.97 -12.35 -7.00
C ILE A 148 -23.96 -11.17 -6.88
N GLN A 149 -23.81 -10.15 -7.75
CA GLN A 149 -24.58 -8.92 -7.77
C GLN A 149 -26.05 -9.11 -7.99
N SER A 150 -26.44 -10.10 -8.81
CA SER A 150 -27.83 -10.35 -9.15
C SER A 150 -28.49 -11.36 -8.21
N ASP A 151 -27.75 -11.97 -7.27
CA ASP A 151 -28.34 -12.92 -6.32
C ASP A 151 -29.29 -12.18 -5.38
N LYS A 152 -30.47 -12.76 -5.14
CA LYS A 152 -31.49 -12.11 -4.32
C LYS A 152 -31.43 -12.51 -2.86
N SER A 153 -30.55 -13.48 -2.48
CA SER A 153 -30.42 -13.93 -1.08
C SER A 153 -29.25 -13.28 -0.37
N LEU A 154 -28.19 -12.92 -1.12
CA LEU A 154 -26.99 -12.32 -0.56
C LEU A 154 -27.26 -10.96 0.08
N ARG A 155 -26.55 -10.68 1.20
CA ARG A 155 -26.58 -9.41 1.91
C ARG A 155 -25.21 -8.79 1.79
N PHE A 156 -25.18 -7.53 1.37
CA PHE A 156 -23.94 -6.79 1.16
C PHE A 156 -23.77 -5.69 2.17
N THR A 157 -22.52 -5.47 2.63
CA THR A 157 -22.17 -4.35 3.54
C THR A 157 -22.26 -3.05 2.74
N GLN A 158 -22.31 -1.89 3.42
CA GLN A 158 -22.34 -0.59 2.72
C GLN A 158 -21.10 -0.39 1.85
N MET A 159 -19.94 -0.89 2.32
CA MET A 159 -18.65 -0.84 1.61
C MET A 159 -18.72 -1.62 0.30
N GLN A 160 -19.30 -2.84 0.34
CA GLN A 160 -19.47 -3.73 -0.82
C GLN A 160 -20.43 -3.15 -1.85
N LYS A 161 -21.54 -2.53 -1.39
CA LYS A 161 -22.51 -1.84 -2.25
C LYS A 161 -21.81 -0.78 -3.10
N ALA A 162 -20.94 0.05 -2.45
CA ALA A 162 -20.15 1.08 -3.12
C ALA A 162 -19.14 0.42 -4.07
N GLY A 163 -18.53 -0.68 -3.62
CA GLY A 163 -17.58 -1.44 -4.41
C GLY A 163 -18.16 -1.96 -5.71
N PHE A 164 -19.43 -2.42 -5.67
CA PHE A 164 -20.13 -2.90 -6.85
C PHE A 164 -20.64 -1.77 -7.72
N LEU A 165 -21.19 -0.72 -7.11
CA LEU A 165 -21.75 0.43 -7.83
C LEU A 165 -20.70 1.18 -8.67
N TYR A 166 -19.47 1.31 -8.14
CA TYR A 166 -18.38 2.03 -8.80
C TYR A 166 -17.25 1.09 -9.28
N TYR A 167 -17.55 -0.20 -9.42
CA TYR A 167 -16.61 -1.26 -9.80
C TYR A 167 -15.71 -0.93 -11.00
N GLU A 168 -16.29 -0.59 -12.17
CA GLU A 168 -15.54 -0.32 -13.41
C GLU A 168 -14.52 0.83 -13.23
N ASP A 169 -14.92 1.91 -12.52
CA ASP A 169 -14.03 3.05 -12.25
C ASP A 169 -12.91 2.66 -11.29
N LEU A 170 -13.24 1.94 -10.21
CA LEU A 170 -12.28 1.52 -9.21
C LEU A 170 -11.29 0.48 -9.75
N VAL A 171 -11.69 -0.35 -10.73
CA VAL A 171 -10.77 -1.36 -11.25
C VAL A 171 -9.86 -0.77 -12.34
N SER A 172 -10.23 0.38 -12.92
CA SER A 172 -9.36 1.06 -13.87
C SER A 172 -8.26 1.81 -13.09
N CYS A 173 -7.03 1.77 -13.55
CA CYS A 173 -5.91 2.41 -12.85
C CYS A 173 -6.08 3.94 -12.74
N VAL A 174 -5.78 4.48 -11.54
CA VAL A 174 -5.67 5.93 -11.31
C VAL A 174 -4.34 6.34 -11.94
N ASN A 175 -4.33 7.36 -12.81
CA ASN A 175 -3.06 7.83 -13.41
C ASN A 175 -2.57 9.10 -12.66
N ARG A 176 -1.36 9.64 -13.00
CA ARG A 176 -0.80 10.82 -12.30
C ARG A 176 -1.68 12.08 -12.51
N PRO A 177 -2.16 12.44 -13.75
CA PRO A 177 -3.08 13.60 -13.86
C PRO A 177 -4.30 13.48 -12.95
N GLU A 178 -4.87 12.28 -12.75
CA GLU A 178 -6.01 12.07 -11.88
C GLU A 178 -5.60 12.24 -10.41
N ALA A 179 -4.42 11.69 -10.02
CA ALA A 179 -3.89 11.83 -8.65
C ALA A 179 -3.64 13.28 -8.33
N GLU A 180 -3.12 14.06 -9.31
CA GLU A 180 -2.85 15.48 -9.10
C GLU A 180 -4.16 16.26 -8.97
N ALA A 181 -5.18 15.88 -9.75
CA ALA A 181 -6.51 16.51 -9.68
C ALA A 181 -7.12 16.30 -8.30
N VAL A 182 -6.96 15.07 -7.75
CA VAL A 182 -7.40 14.69 -6.40
C VAL A 182 -6.61 15.52 -5.37
N SER A 183 -5.28 15.67 -5.53
CA SER A 183 -4.44 16.46 -4.63
C SER A 183 -4.96 17.88 -4.48
N MET A 184 -5.36 18.50 -5.60
CA MET A 184 -5.92 19.86 -5.64
C MET A 184 -7.18 19.94 -4.82
N LEU A 185 -8.09 18.94 -4.98
CA LEU A 185 -9.35 18.87 -4.25
C LEU A 185 -9.09 18.76 -2.74
N VAL A 186 -8.15 17.87 -2.34
CA VAL A 186 -7.78 17.64 -0.95
C VAL A 186 -7.23 18.92 -0.36
N LYS A 187 -6.25 19.55 -1.01
CA LYS A 187 -5.61 20.79 -0.53
C LYS A 187 -6.63 21.94 -0.38
N GLU A 188 -7.50 22.15 -1.38
CA GLU A 188 -8.57 23.17 -1.36
C GLU A 188 -9.53 22.97 -0.18
N ALA A 189 -9.93 21.72 0.10
CA ALA A 189 -10.85 21.41 1.19
C ALA A 189 -10.18 21.57 2.55
N VAL A 190 -8.96 21.02 2.70
CA VAL A 190 -8.19 21.06 3.95
C VAL A 190 -7.85 22.50 4.40
N VAL A 191 -7.28 23.34 3.51
CA VAL A 191 -6.88 24.72 3.80
C VAL A 191 -8.09 25.62 4.14
N THR A 192 -9.32 25.23 3.74
CA THR A 192 -10.57 25.94 4.08
C THR A 192 -10.78 25.92 5.61
N PHE A 193 -10.42 24.82 6.28
CA PHE A 193 -10.59 24.67 7.73
C PHE A 193 -9.26 24.88 8.50
N LEU A 194 -8.11 24.44 7.93
CA LEU A 194 -6.76 24.59 8.51
C LEU A 194 -5.81 25.21 7.45
N PRO A 195 -5.71 26.56 7.37
CA PRO A 195 -4.88 27.16 6.30
C PRO A 195 -3.37 26.85 6.39
N ASP A 196 -2.86 26.49 7.58
CA ASP A 196 -1.42 26.19 7.77
C ASP A 196 -1.10 24.71 7.54
N ALA A 197 -2.11 23.88 7.21
CA ALA A 197 -1.93 22.44 7.04
C ALA A 197 -1.05 22.09 5.86
N LEU A 198 -0.21 21.08 6.06
CA LEU A 198 0.67 20.50 5.06
C LEU A 198 0.04 19.19 4.59
N VAL A 199 -0.23 19.10 3.29
CA VAL A 199 -0.84 17.94 2.66
C VAL A 199 0.20 17.30 1.74
N THR A 200 0.48 16.00 1.94
CA THR A 200 1.50 15.30 1.16
C THR A 200 0.92 14.04 0.56
N MET A 201 1.10 13.85 -0.76
CA MET A 201 0.70 12.63 -1.43
C MET A 201 1.74 11.55 -1.07
N THR A 202 1.25 10.38 -0.59
CA THR A 202 2.13 9.30 -0.14
C THR A 202 1.92 8.10 -1.06
N GLY A 203 2.18 6.89 -0.55
CA GLY A 203 2.02 5.63 -1.28
C GLY A 203 2.86 5.54 -2.52
N GLY A 204 2.37 4.74 -3.48
CA GLY A 204 3.02 4.45 -4.76
C GLY A 204 3.39 5.65 -5.59
N PHE A 205 2.51 6.67 -5.66
CA PHE A 205 2.74 7.89 -6.43
C PHE A 205 3.95 8.67 -5.90
N ARG A 206 4.17 8.66 -4.58
CA ARG A 206 5.36 9.30 -3.99
C ARG A 206 6.63 8.49 -4.36
N ARG A 207 6.49 7.19 -4.61
CA ARG A 207 7.62 6.33 -4.99
C ARG A 207 7.92 6.38 -6.50
N GLY A 208 7.17 7.20 -7.24
CA GLY A 208 7.36 7.39 -8.67
C GLY A 208 6.48 6.56 -9.60
N LYS A 209 5.48 5.88 -9.06
CA LYS A 209 4.58 5.05 -9.88
C LYS A 209 3.72 5.89 -10.80
N MET A 210 3.46 5.37 -11.99
CA MET A 210 2.64 6.04 -12.97
C MET A 210 1.18 5.82 -12.70
N THR A 211 0.86 4.69 -12.07
CA THR A 211 -0.52 4.31 -11.75
C THR A 211 -0.65 3.82 -10.31
N GLY A 212 -1.90 3.72 -9.86
CA GLY A 212 -2.25 3.21 -8.54
C GLY A 212 -3.70 2.82 -8.44
N HIS A 213 -4.06 2.05 -7.41
CA HIS A 213 -5.45 1.66 -7.17
C HIS A 213 -6.19 2.73 -6.35
N ASP A 214 -5.41 3.57 -5.67
CA ASP A 214 -5.89 4.67 -4.83
C ASP A 214 -4.86 5.81 -4.78
N VAL A 215 -5.27 6.94 -4.14
CA VAL A 215 -4.44 8.11 -3.89
C VAL A 215 -4.49 8.36 -2.38
N ASP A 216 -3.32 8.35 -1.74
CA ASP A 216 -3.16 8.51 -0.30
C ASP A 216 -2.50 9.80 0.02
N PHE A 217 -2.96 10.45 1.13
CA PHE A 217 -2.46 11.73 1.59
C PHE A 217 -2.22 11.76 3.07
N LEU A 218 -1.16 12.45 3.46
CA LEU A 218 -0.86 12.67 4.85
C LEU A 218 -1.11 14.16 5.11
N ILE A 219 -1.89 14.47 6.13
CA ILE A 219 -2.25 15.84 6.51
C ILE A 219 -1.73 16.09 7.91
N THR A 220 -1.05 17.23 8.10
CA THR A 220 -0.54 17.61 9.39
C THR A 220 -0.58 19.14 9.52
N SER A 221 -0.69 19.67 10.75
CA SER A 221 -0.74 21.10 10.96
C SER A 221 0.15 21.52 12.13
N PRO A 222 1.09 22.45 11.92
CA PRO A 222 1.96 22.85 13.05
C PRO A 222 1.26 23.63 14.18
N GLU A 223 0.11 24.30 13.91
CA GLU A 223 -0.54 25.09 14.95
C GLU A 223 -1.93 24.58 15.39
N ALA A 224 -2.50 23.56 14.73
CA ALA A 224 -3.82 23.02 15.11
C ALA A 224 -3.82 22.42 16.51
N THR A 225 -4.94 22.55 17.24
CA THR A 225 -5.13 21.97 18.57
C THR A 225 -5.47 20.49 18.43
N GLU A 226 -5.54 19.74 19.55
CA GLU A 226 -5.90 18.31 19.56
C GLU A 226 -7.32 18.12 19.00
N ASP A 227 -8.25 19.03 19.37
CA ASP A 227 -9.64 19.03 18.91
C ASP A 227 -9.74 19.41 17.42
N GLU A 228 -9.03 20.48 16.97
CA GLU A 228 -9.01 20.91 15.57
C GLU A 228 -8.53 19.77 14.68
N GLU A 229 -7.45 19.08 15.11
CA GLU A 229 -6.83 17.95 14.43
C GLU A 229 -7.83 16.80 14.28
N GLN A 230 -8.67 16.57 15.31
CA GLN A 230 -9.66 15.51 15.35
C GLN A 230 -10.85 15.82 14.42
N GLN A 231 -11.25 17.07 14.33
CA GLN A 231 -12.44 17.48 13.57
C GLN A 231 -12.21 17.70 12.07
N LEU A 232 -10.94 17.92 11.62
CA LEU A 232 -10.65 18.21 10.22
C LEU A 232 -11.24 17.19 9.23
N LEU A 233 -11.01 15.88 9.45
CA LEU A 233 -11.51 14.86 8.50
C LEU A 233 -13.04 14.86 8.42
N HIS A 234 -13.74 15.11 9.55
CA HIS A 234 -15.20 15.23 9.61
C HIS A 234 -15.66 16.50 8.83
N LYS A 235 -14.98 17.66 9.03
CA LYS A 235 -15.31 18.91 8.33
C LYS A 235 -15.10 18.79 6.81
N VAL A 236 -13.97 18.20 6.39
CA VAL A 236 -13.60 18.05 4.97
C VAL A 236 -14.58 17.11 4.25
N THR A 237 -14.97 16.01 4.90
CA THR A 237 -15.89 15.04 4.29
C THR A 237 -17.31 15.59 4.25
N ASP A 238 -17.75 16.38 5.27
CA ASP A 238 -19.07 17.02 5.28
C ASP A 238 -19.17 18.04 4.14
N PHE A 239 -18.08 18.80 3.91
CA PHE A 239 -17.96 19.79 2.83
C PHE A 239 -18.14 19.11 1.47
N TRP A 240 -17.47 17.95 1.25
CA TRP A 240 -17.57 17.19 0.00
C TRP A 240 -18.94 16.57 -0.17
N LYS A 241 -19.58 16.14 0.95
CA LYS A 241 -20.92 15.57 0.97
C LYS A 241 -21.92 16.64 0.51
N GLN A 242 -21.75 17.90 0.98
CA GLN A 242 -22.54 19.05 0.59
C GLN A 242 -22.34 19.38 -0.90
N GLN A 243 -21.10 19.16 -1.39
CA GLN A 243 -20.66 19.42 -2.75
C GLN A 243 -21.08 18.31 -3.73
N GLY A 244 -21.60 17.19 -3.20
CA GLY A 244 -22.03 16.04 -3.99
C GLY A 244 -20.88 15.22 -4.55
N LEU A 245 -19.72 15.28 -3.88
CA LEU A 245 -18.50 14.59 -4.31
C LEU A 245 -18.17 13.37 -3.50
N LEU A 246 -18.81 13.22 -2.33
CA LEU A 246 -18.54 12.09 -1.45
C LEU A 246 -19.44 10.91 -1.82
N LEU A 247 -18.86 9.91 -2.45
CA LEU A 247 -19.56 8.71 -2.87
C LEU A 247 -19.52 7.64 -1.79
N TYR A 248 -18.47 7.63 -0.96
CA TYR A 248 -18.31 6.70 0.16
C TYR A 248 -17.39 7.34 1.19
N CYS A 249 -17.65 7.09 2.50
CA CYS A 249 -16.83 7.62 3.57
C CYS A 249 -16.89 6.73 4.80
N ASP A 250 -15.72 6.39 5.35
CA ASP A 250 -15.54 5.64 6.59
C ASP A 250 -14.39 6.27 7.36
N ILE A 251 -14.68 6.90 8.50
CA ILE A 251 -13.64 7.56 9.29
C ILE A 251 -13.28 6.69 10.51
N LEU A 252 -12.00 6.34 10.63
CA LEU A 252 -11.48 5.55 11.74
C LEU A 252 -10.80 6.51 12.69
N GLU A 253 -11.33 6.61 13.92
CA GLU A 253 -10.74 7.48 14.93
C GLU A 253 -9.34 6.98 15.29
N SER A 254 -8.48 7.88 15.76
CA SER A 254 -7.12 7.49 16.13
C SER A 254 -7.09 6.53 17.34
N THR A 255 -6.12 5.59 17.30
CA THR A 255 -5.87 4.63 18.37
C THR A 255 -4.41 4.84 18.86
N PHE A 256 -3.68 5.80 18.24
CA PHE A 256 -2.31 6.05 18.64
C PHE A 256 -2.24 6.80 19.96
N GLU A 257 -1.32 6.38 20.84
CA GLU A 257 -1.11 6.96 22.17
C GLU A 257 0.30 7.63 22.24
N LYS A 258 0.35 8.89 22.70
CA LYS A 258 1.58 9.72 22.78
C LYS A 258 2.78 9.02 23.44
N PHE A 259 2.54 8.28 24.53
CA PHE A 259 3.62 7.66 25.28
C PHE A 259 3.63 6.10 25.24
N LYS A 260 2.95 5.47 24.26
CA LYS A 260 2.99 4.01 24.11
C LYS A 260 4.19 3.61 23.26
N GLN A 261 4.86 2.51 23.65
CA GLN A 261 6.02 1.97 22.92
C GLN A 261 5.55 1.52 21.54
N PRO A 262 6.39 1.63 20.47
CA PRO A 262 5.98 1.16 19.14
C PRO A 262 5.75 -0.37 19.14
N SER A 263 4.92 -0.86 18.22
CA SER A 263 4.60 -2.30 18.24
C SER A 263 5.80 -3.23 17.91
N ARG A 264 5.72 -4.48 18.44
CA ARG A 264 6.71 -5.56 18.24
C ARG A 264 6.33 -6.49 17.04
N ASP A 267 1.50 -4.41 14.01
CA ASP A 267 0.13 -4.27 14.50
C ASP A 267 -0.60 -3.14 13.78
N ALA A 268 -1.66 -3.50 13.05
CA ALA A 268 -2.53 -2.62 12.25
C ALA A 268 -3.66 -2.03 13.12
N LEU A 269 -3.76 -2.48 14.38
CA LEU A 269 -4.76 -2.05 15.34
C LEU A 269 -4.40 -0.67 15.93
N ASP A 270 -3.10 -0.30 15.84
CA ASP A 270 -2.58 1.00 16.29
C ASP A 270 -2.43 1.92 15.08
N HIS A 271 -3.18 3.05 15.05
CA HIS A 271 -3.15 3.96 13.92
C HIS A 271 -3.61 5.40 14.20
N PHE A 272 -3.18 6.27 13.29
CA PHE A 272 -3.59 7.66 13.26
C PHE A 272 -5.02 7.74 12.75
N GLN A 273 -5.69 8.89 12.99
CA GLN A 273 -7.03 9.11 12.47
C GLN A 273 -6.96 9.05 10.92
N LYS A 274 -7.83 8.24 10.32
CA LYS A 274 -7.80 8.08 8.88
C LYS A 274 -9.17 7.86 8.33
N CYS A 275 -9.32 8.05 7.01
CA CYS A 275 -10.59 7.79 6.36
C CYS A 275 -10.37 7.17 5.01
N PHE A 276 -11.27 6.24 4.68
CA PHE A 276 -11.31 5.51 3.43
C PHE A 276 -12.45 6.10 2.66
N LEU A 277 -12.17 6.71 1.53
CA LEU A 277 -13.17 7.42 0.75
C LEU A 277 -13.22 6.98 -0.70
N ILE A 278 -14.34 7.32 -1.33
CA ILE A 278 -14.59 7.24 -2.76
C ILE A 278 -15.05 8.64 -3.16
N LEU A 279 -14.27 9.33 -4.01
CA LEU A 279 -14.62 10.67 -4.42
C LEU A 279 -15.05 10.70 -5.85
N LYS A 280 -15.96 11.64 -6.18
CA LYS A 280 -16.40 11.91 -7.53
C LYS A 280 -15.41 12.91 -8.14
N LEU A 281 -14.61 12.48 -9.13
CA LEU A 281 -13.62 13.34 -9.76
C LEU A 281 -14.12 13.78 -11.14
N ASP A 282 -14.51 15.05 -11.27
CA ASP A 282 -14.99 15.60 -12.52
C ASP A 282 -13.86 15.66 -13.56
N HIS A 283 -14.16 15.29 -14.83
CA HIS A 283 -13.09 15.26 -15.83
C HIS A 283 -12.50 16.64 -16.17
N GLY A 284 -13.27 17.70 -15.97
CA GLY A 284 -12.80 19.07 -16.20
C GLY A 284 -11.61 19.48 -15.35
N ARG A 285 -11.47 18.84 -14.17
CA ARG A 285 -10.42 19.07 -13.18
C ARG A 285 -9.08 18.38 -13.57
N VAL A 286 -9.12 17.43 -14.50
CA VAL A 286 -7.98 16.59 -14.92
C VAL A 286 -7.30 17.23 -16.11
N HIS A 287 -6.00 17.57 -15.93
CA HIS A 287 -5.19 18.16 -16.99
C HIS A 287 -4.21 17.10 -17.51
N SER A 288 -4.68 16.37 -18.51
CA SER A 288 -3.99 15.30 -19.20
C SER A 288 -3.91 15.62 -20.68
N GLU A 289 -3.29 14.74 -21.47
CA GLU A 289 -3.20 14.93 -22.92
C GLU A 289 -4.55 14.56 -23.60
N LYS A 290 -5.34 13.69 -22.94
CA LYS A 290 -6.65 13.29 -23.44
C LYS A 290 -7.74 14.07 -22.72
N GLU A 295 -16.43 12.30 -22.75
CA GLU A 295 -16.56 11.10 -23.57
C GLU A 295 -17.71 10.21 -23.06
N GLY A 296 -17.77 10.02 -21.75
CA GLY A 296 -18.79 9.23 -21.04
C GLY A 296 -19.62 10.04 -20.08
N LYS A 297 -19.72 9.60 -18.80
CA LYS A 297 -20.50 10.30 -17.74
C LYS A 297 -19.87 11.65 -17.33
N GLY A 298 -18.59 11.85 -17.64
CA GLY A 298 -17.86 13.08 -17.35
C GLY A 298 -17.19 13.15 -16.00
N TRP A 299 -17.16 12.02 -15.27
CA TRP A 299 -16.52 11.92 -13.95
C TRP A 299 -16.03 10.49 -13.72
N LYS A 300 -15.15 10.32 -12.72
CA LYS A 300 -14.57 9.02 -12.38
C LYS A 300 -14.52 8.87 -10.86
N ALA A 301 -14.95 7.70 -10.36
CA ALA A 301 -14.90 7.36 -8.93
C ALA A 301 -13.46 7.02 -8.61
N ILE A 302 -12.91 7.59 -7.53
CA ILE A 302 -11.53 7.39 -7.14
C ILE A 302 -11.48 7.04 -5.68
N ARG A 303 -10.69 5.98 -5.35
CA ARG A 303 -10.43 5.60 -3.97
C ARG A 303 -9.37 6.54 -3.42
N VAL A 304 -9.69 7.20 -2.29
CA VAL A 304 -8.80 8.15 -1.64
C VAL A 304 -8.69 7.80 -0.17
N ASP A 305 -7.46 7.84 0.38
CA ASP A 305 -7.25 7.66 1.82
C ASP A 305 -6.59 8.89 2.37
N LEU A 306 -7.16 9.43 3.45
CA LEU A 306 -6.60 10.59 4.13
C LEU A 306 -6.17 10.17 5.51
N VAL A 307 -4.96 10.58 5.91
CA VAL A 307 -4.39 10.33 7.23
C VAL A 307 -4.05 11.65 7.90
N MET A 308 -4.46 11.84 9.15
CA MET A 308 -4.15 13.05 9.95
C MET A 308 -3.22 12.66 11.08
N CYS A 309 -2.10 13.33 11.22
CA CYS A 309 -1.20 12.99 12.32
C CYS A 309 -0.74 14.23 13.09
N PRO A 310 -0.30 14.06 14.36
CA PRO A 310 0.27 15.20 15.10
C PRO A 310 1.55 15.67 14.42
N TYR A 311 1.77 16.97 14.43
CA TYR A 311 2.91 17.58 13.75
C TYR A 311 4.26 16.95 14.08
N ASP A 312 4.53 16.62 15.35
CA ASP A 312 5.81 16.08 15.81
C ASP A 312 6.06 14.63 15.31
N ARG A 313 5.03 13.94 14.80
CA ARG A 313 5.19 12.56 14.34
C ARG A 313 5.15 12.46 12.81
N ARG A 314 5.12 13.62 12.11
CA ARG A 314 4.94 13.67 10.66
C ARG A 314 6.00 12.86 9.86
N ALA A 315 7.26 12.78 10.34
CA ALA A 315 8.31 12.02 9.65
C ALA A 315 8.07 10.52 9.77
N PHE A 316 7.62 10.05 10.95
CA PHE A 316 7.35 8.62 11.15
C PHE A 316 6.16 8.18 10.33
N ALA A 317 5.13 9.04 10.26
CA ALA A 317 3.91 8.75 9.49
C ALA A 317 4.22 8.74 7.98
N LEU A 318 4.93 9.76 7.48
CA LEU A 318 5.36 9.88 6.07
C LEU A 318 6.18 8.65 5.64
N LEU A 319 7.14 8.23 6.47
CA LEU A 319 7.94 7.04 6.24
C LEU A 319 7.08 5.78 6.16
N GLY A 320 6.13 5.61 7.07
CA GLY A 320 5.21 4.48 7.06
C GLY A 320 4.24 4.47 5.90
N TRP A 321 3.71 5.63 5.52
CA TRP A 321 2.71 5.71 4.45
C TRP A 321 3.33 5.77 3.04
N THR A 322 4.64 5.98 2.93
CA THR A 322 5.26 6.02 1.61
C THR A 322 5.45 4.59 1.09
N GLY A 323 5.66 3.63 1.97
CA GLY A 323 5.89 2.24 1.57
C GLY A 323 7.24 1.99 0.89
N SER A 324 7.42 0.90 0.12
CA SER A 324 6.44 -0.15 -0.20
C SER A 324 6.16 -1.04 1.01
N ARG A 325 5.22 -2.00 0.89
CA ARG A 325 4.91 -2.92 1.99
C ARG A 325 6.17 -3.67 2.46
N GLN A 326 6.92 -4.21 1.51
CA GLN A 326 8.16 -4.95 1.79
C GLN A 326 9.27 -4.07 2.39
N PHE A 327 9.40 -2.82 1.92
CA PHE A 327 10.38 -1.89 2.47
C PHE A 327 10.05 -1.60 3.95
N GLU A 328 8.76 -1.40 4.28
CA GLU A 328 8.30 -1.14 5.65
C GLU A 328 8.58 -2.32 6.57
N ARG A 329 8.25 -3.57 6.10
CA ARG A 329 8.50 -4.80 6.86
C ARG A 329 9.97 -4.95 7.19
N ASP A 330 10.87 -4.75 6.21
CA ASP A 330 12.31 -4.89 6.42
C ASP A 330 12.88 -3.77 7.29
N LEU A 331 12.36 -2.53 7.18
CA LEU A 331 12.75 -1.41 8.05
C LEU A 331 12.52 -1.77 9.52
N ARG A 332 11.31 -2.31 9.83
CA ARG A 332 10.93 -2.66 11.19
C ARG A 332 11.74 -3.87 11.68
N ARG A 333 12.02 -4.82 10.80
CA ARG A 333 12.79 -6.03 11.10
C ARG A 333 14.23 -5.67 11.37
N TYR A 334 14.85 -4.83 10.50
CA TYR A 334 16.19 -4.30 10.68
C TYR A 334 16.27 -3.53 12.02
N ALA A 335 15.32 -2.60 12.30
CA ALA A 335 15.32 -1.84 13.56
C ALA A 335 15.36 -2.78 14.78
N THR A 336 14.54 -3.84 14.78
CA THR A 336 14.46 -4.78 15.89
C THR A 336 15.70 -5.65 16.01
N HIS A 337 16.03 -6.40 14.97
CA HIS A 337 17.09 -7.39 14.97
C HIS A 337 18.48 -6.84 14.95
N GLU A 338 18.72 -5.73 14.22
CA GLU A 338 20.07 -5.16 14.10
C GLU A 338 20.35 -3.98 15.04
N ARG A 339 19.35 -3.19 15.40
CA ARG A 339 19.59 -2.02 16.21
C ARG A 339 18.97 -2.05 17.60
N LYS A 340 18.17 -3.09 17.94
CA LYS A 340 17.41 -3.19 19.19
C LYS A 340 16.53 -1.92 19.36
N MET A 341 15.90 -1.51 18.26
CA MET A 341 15.00 -0.37 18.20
C MET A 341 13.63 -0.84 17.78
N MET A 342 12.59 -0.09 18.11
CA MET A 342 11.20 -0.44 17.81
C MET A 342 10.62 0.68 16.98
N LEU A 343 10.30 0.37 15.72
CA LEU A 343 9.81 1.35 14.76
C LEU A 343 8.40 1.05 14.36
N ASP A 344 7.63 2.12 14.21
CA ASP A 344 6.19 2.16 13.98
C ASP A 344 5.86 3.45 13.19
N ASN A 345 4.63 3.63 12.73
CA ASN A 345 4.25 4.87 12.02
C ASN A 345 4.20 6.09 12.94
N HIS A 346 4.27 5.89 14.26
CA HIS A 346 4.13 6.98 15.22
C HIS A 346 5.42 7.34 15.93
N ALA A 347 6.35 6.39 16.07
CA ALA A 347 7.55 6.64 16.85
C ALA A 347 8.67 5.63 16.59
N LEU A 348 9.84 5.93 17.14
CA LEU A 348 11.07 5.14 17.12
C LEU A 348 11.60 5.14 18.54
N TYR A 349 11.63 3.94 19.16
CA TYR A 349 12.08 3.73 20.52
C TYR A 349 13.38 2.91 20.55
N ASP A 350 14.37 3.43 21.30
CA ASP A 350 15.67 2.79 21.52
C ASP A 350 15.61 2.03 22.84
N ARG A 351 15.64 0.69 22.77
CA ARG A 351 15.54 -0.17 23.95
C ARG A 351 16.80 -0.14 24.82
N THR A 352 17.97 0.16 24.22
CA THR A 352 19.23 0.23 24.97
C THR A 352 19.34 1.57 25.73
N LYS A 353 19.06 2.67 25.05
CA LYS A 353 19.13 4.01 25.63
C LYS A 353 17.88 4.33 26.45
N ARG A 354 16.80 3.51 26.29
CA ARG A 354 15.52 3.63 26.99
C ARG A 354 14.88 4.99 26.70
N VAL A 355 14.96 5.43 25.43
CA VAL A 355 14.47 6.73 25.00
C VAL A 355 13.80 6.67 23.63
N PHE A 356 12.78 7.53 23.45
CA PHE A 356 12.15 7.72 22.16
C PHE A 356 13.03 8.67 21.37
N LEU A 357 13.24 8.37 20.09
CA LEU A 357 14.11 9.19 19.24
C LEU A 357 13.26 10.14 18.42
N GLU A 358 13.61 11.44 18.43
CA GLU A 358 12.89 12.49 17.71
C GLU A 358 13.40 12.65 16.28
N ALA A 359 12.50 13.00 15.35
CA ALA A 359 12.87 13.20 13.94
C ALA A 359 11.98 14.24 13.28
N GLU A 360 12.58 15.17 12.54
CA GLU A 360 11.84 16.20 11.82
C GLU A 360 11.72 15.83 10.35
N SER A 361 12.45 14.80 9.92
CA SER A 361 12.51 14.33 8.52
C SER A 361 12.77 12.85 8.45
N GLU A 362 12.52 12.24 7.28
CA GLU A 362 12.80 10.82 7.07
C GLU A 362 14.31 10.56 7.19
N GLU A 363 15.13 11.50 6.67
CA GLU A 363 16.61 11.47 6.73
C GLU A 363 17.10 11.25 8.18
N GLU A 364 16.53 11.97 9.15
CA GLU A 364 16.86 11.81 10.56
C GLU A 364 16.51 10.41 11.10
N ILE A 365 15.38 9.80 10.63
CA ILE A 365 14.97 8.45 11.03
C ILE A 365 16.02 7.46 10.53
N PHE A 366 16.39 7.54 9.22
CA PHE A 366 17.39 6.68 8.62
C PHE A 366 18.70 6.80 9.37
N ALA A 367 19.14 8.06 9.71
CA ALA A 367 20.38 8.29 10.44
C ALA A 367 20.34 7.67 11.85
N HIS A 368 19.18 7.74 12.56
CA HIS A 368 19.04 7.12 13.89
C HIS A 368 19.19 5.59 13.81
N LEU A 369 18.81 4.99 12.66
CA LEU A 369 18.86 3.55 12.42
C LEU A 369 20.21 3.09 11.88
N GLY A 370 21.11 4.05 11.60
CA GLY A 370 22.43 3.80 11.03
C GLY A 370 22.36 3.28 9.62
N LEU A 371 21.36 3.76 8.84
CA LEU A 371 21.12 3.43 7.45
C LEU A 371 21.41 4.60 6.52
N ASP A 372 21.99 4.32 5.35
CA ASP A 372 22.14 5.34 4.31
C ASP A 372 20.74 5.69 3.85
N TYR A 373 20.50 6.96 3.57
CA TYR A 373 19.17 7.40 3.17
C TYR A 373 18.76 6.79 1.82
N ILE A 374 17.56 6.20 1.80
CA ILE A 374 16.96 5.61 0.61
C ILE A 374 15.87 6.58 0.17
N GLU A 375 16.00 7.14 -1.05
CA GLU A 375 15.03 8.08 -1.62
C GLU A 375 13.67 7.41 -1.82
N PRO A 376 12.53 8.14 -1.78
CA PRO A 376 11.22 7.47 -1.94
C PRO A 376 11.10 6.62 -3.20
N TRP A 377 11.65 7.09 -4.33
CA TRP A 377 11.63 6.34 -5.61
C TRP A 377 12.55 5.11 -5.57
N GLU A 378 13.34 4.92 -4.51
CA GLU A 378 14.25 3.79 -4.33
C GLU A 378 13.67 2.77 -3.32
N ARG A 379 12.43 2.99 -2.86
CA ARG A 379 11.79 2.13 -1.88
C ARG A 379 10.75 1.20 -2.52
N ASN A 380 10.88 0.91 -3.83
CA ASN A 380 9.90 0.08 -4.53
C ASN A 380 10.21 -1.44 -4.37
N ALA A 381 10.54 -1.88 -3.16
CA ALA A 381 10.91 -3.25 -2.81
C ALA A 381 9.72 -4.24 -2.92
#